data_3KXG
#
_entry.id   3KXG
#
_cell.length_a   142.467
_cell.length_b   60.370
_cell.length_c   45.514
_cell.angle_alpha   90.00
_cell.angle_beta   103.13
_cell.angle_gamma   90.00
#
_symmetry.space_group_name_H-M   'C 1 2 1'
#
loop_
_entity.id
_entity.type
_entity.pdbx_description
1 polymer 'Casein kinase II subunit alpha'
2 non-polymer 3,4,5,6,7-pentabromo-1H-indazole
3 water water
#
_entity_poly.entity_id   1
_entity_poly.type   'polypeptide(L)'
_entity_poly.pdbx_seq_one_letter_code
;SKARVYADVNVLRPKEYWDYEALTVQWGEQDDYEVVRKVGRGKYSEVFEGINVNNNEKCIIKILKPVKKKKIKREIKILQ
NL(CSO)GGPNIVKLLDIVRDQHSKTPSLIFEYVNNTDFKVLYPTLTDYDIRYYIYELLKALDYCHSQGIMHRDVKPHNV
MIDHELRKLRLIDWGLAEFYHPGKEYNVRVASRYFKGPELLVDLQDYDYSLDMWSLGCMFAGMIFRKEPFFYGHDNHDQL
VKIAKVLGTDGLNVYLNKYRIELDPQLEALVGRHSRKPWLKFMNADNQHLVSPEAIDFLDKLLRYDHQERLTALEAMTHP
YFQQVRAAENS
;
_entity_poly.pdbx_strand_id   A
#
# COMPACT_ATOMS: atom_id res chain seq x y z
N SER A 1 9.65 -12.32 -15.38
CA SER A 1 10.07 -11.48 -14.21
C SER A 1 9.92 -12.23 -12.88
N LYS A 2 10.88 -12.03 -11.98
CA LYS A 2 10.73 -12.45 -10.60
C LYS A 2 11.26 -11.42 -9.61
N ALA A 3 10.70 -11.45 -8.40
CA ALA A 3 11.14 -10.58 -7.31
C ALA A 3 12.64 -10.81 -7.05
N ARG A 4 13.38 -9.75 -6.79
CA ARG A 4 14.79 -9.84 -6.45
C ARG A 4 15.04 -10.23 -4.98
N VAL A 5 14.00 -10.19 -4.13
CA VAL A 5 14.13 -10.63 -2.73
C VAL A 5 12.84 -11.37 -2.37
N TYR A 6 12.95 -12.24 -1.37
CA TYR A 6 11.81 -12.94 -0.73
C TYR A 6 11.05 -13.76 -1.78
N ALA A 7 11.72 -14.10 -2.87
CA ALA A 7 11.08 -14.83 -3.96
C ALA A 7 10.58 -16.20 -3.49
N ASP A 8 11.29 -16.82 -2.56
CA ASP A 8 11.09 -18.20 -2.19
C ASP A 8 10.29 -18.37 -0.89
N VAL A 9 9.74 -17.28 -0.35
CA VAL A 9 9.10 -17.36 0.98
C VAL A 9 7.99 -18.42 1.00
N ASN A 10 7.03 -18.30 0.10
CA ASN A 10 5.95 -19.30 0.00
C ASN A 10 6.38 -20.69 -0.50
N VAL A 11 7.48 -20.76 -1.26
CA VAL A 11 8.06 -22.02 -1.71
C VAL A 11 8.57 -22.85 -0.54
N LEU A 12 9.22 -22.20 0.42
CA LEU A 12 9.75 -22.93 1.57
C LEU A 12 8.73 -23.26 2.66
N ARG A 13 7.61 -22.53 2.68
CA ARG A 13 6.69 -22.61 3.82
C ARG A 13 5.71 -23.74 3.56
N PRO A 14 5.10 -24.31 4.62
CA PRO A 14 4.11 -25.34 4.32
C PRO A 14 2.90 -24.78 3.54
N LYS A 15 2.29 -25.65 2.76
CA LYS A 15 1.21 -25.22 1.86
C LYS A 15 0.09 -24.52 2.62
N GLU A 16 -0.10 -24.91 3.89
CA GLU A 16 -1.17 -24.35 4.71
C GLU A 16 -1.04 -22.85 4.89
N TYR A 17 0.20 -22.35 4.96
CA TYR A 17 0.47 -20.92 5.11
C TYR A 17 -0.18 -20.08 4.01
N TRP A 18 0.03 -20.48 2.76
CA TRP A 18 -0.41 -19.71 1.57
C TRP A 18 -1.65 -20.26 0.87
N ASP A 19 -2.00 -21.51 1.14
CA ASP A 19 -3.19 -22.10 0.53
C ASP A 19 -4.41 -21.61 1.30
N TYR A 20 -4.79 -20.36 1.06
CA TYR A 20 -5.82 -19.71 1.86
C TYR A 20 -7.22 -20.29 1.67
N GLU A 21 -7.45 -20.94 0.53
CA GLU A 21 -8.76 -21.54 0.24
C GLU A 21 -9.09 -22.74 1.13
N ALA A 22 -8.04 -23.32 1.74
CA ALA A 22 -8.18 -24.43 2.68
C ALA A 22 -8.47 -23.98 4.12
N LEU A 23 -8.52 -22.66 4.32
CA LEU A 23 -8.87 -22.05 5.62
C LEU A 23 -10.31 -22.38 5.97
N THR A 24 -10.55 -22.70 7.23
CA THR A 24 -11.93 -22.83 7.67
C THR A 24 -12.07 -21.80 8.80
N VAL A 25 -12.87 -20.78 8.54
CA VAL A 25 -13.01 -19.64 9.44
C VAL A 25 -13.61 -20.12 10.79
N GLN A 26 -13.11 -19.53 11.88
CA GLN A 26 -13.57 -19.82 13.24
C GLN A 26 -14.36 -18.61 13.78
N TRP A 27 -15.67 -18.58 13.52
CA TRP A 27 -16.48 -17.42 13.84
C TRP A 27 -16.64 -17.13 15.35
N GLY A 28 -16.45 -15.88 15.70
CA GLY A 28 -16.55 -15.41 17.07
C GLY A 28 -18.02 -15.16 17.39
N GLU A 29 -18.23 -14.37 18.43
CA GLU A 29 -19.57 -14.04 18.87
C GLU A 29 -19.92 -12.61 18.48
N GLN A 30 -20.81 -12.45 17.50
CA GLN A 30 -21.28 -11.15 17.04
C GLN A 30 -21.62 -10.20 18.20
N ASP A 31 -22.34 -10.71 19.21
CA ASP A 31 -22.75 -9.85 20.32
C ASP A 31 -21.65 -9.28 21.21
N ASP A 32 -20.41 -9.76 21.09
CA ASP A 32 -19.34 -9.20 21.90
C ASP A 32 -19.00 -7.75 21.50
N TYR A 33 -19.40 -7.35 20.29
CA TYR A 33 -18.90 -6.08 19.69
C TYR A 33 -20.04 -5.15 19.29
N GLU A 34 -20.08 -3.95 19.85
CA GLU A 34 -21.18 -3.05 19.50
C GLU A 34 -20.65 -1.87 18.70
N VAL A 35 -21.41 -1.49 17.69
CA VAL A 35 -21.07 -0.29 16.88
C VAL A 35 -21.30 0.98 17.68
N VAL A 36 -20.29 1.85 17.71
CA VAL A 36 -20.41 3.13 18.39
C VAL A 36 -20.66 4.25 17.38
N ARG A 37 -19.86 4.31 16.32
CA ARG A 37 -20.07 5.30 15.24
C ARG A 37 -19.36 4.94 13.95
N LYS A 38 -19.96 5.32 12.82
CA LYS A 38 -19.33 5.09 11.51
C LYS A 38 -18.13 6.01 11.36
N VAL A 39 -17.02 5.47 10.85
CA VAL A 39 -15.80 6.27 10.67
C VAL A 39 -15.29 6.20 9.24
N GLY A 40 -15.84 5.31 8.44
CA GLY A 40 -15.41 5.22 7.04
C GLY A 40 -16.26 4.31 6.20
N ARG A 41 -16.08 4.43 4.89
CA ARG A 41 -16.76 3.58 3.94
C ARG A 41 -15.87 3.47 2.71
N GLY A 42 -16.17 2.46 1.90
CA GLY A 42 -15.49 2.25 0.63
C GLY A 42 -16.34 1.30 -0.18
N LYS A 43 -15.83 0.95 -1.35
CA LYS A 43 -16.47 0.02 -2.28
C LYS A 43 -16.84 -1.32 -1.65
N TYR A 44 -16.03 -1.79 -0.70
CA TYR A 44 -16.12 -3.18 -0.18
C TYR A 44 -16.58 -3.30 1.28
N SER A 45 -16.56 -2.20 2.02
CA SER A 45 -16.89 -2.25 3.45
C SER A 45 -17.36 -0.93 4.01
N GLU A 46 -18.01 -1.02 5.18
CA GLU A 46 -18.28 0.10 6.06
C GLU A 46 -17.51 -0.12 7.34
N VAL A 47 -17.00 0.97 7.90
CA VAL A 47 -16.10 0.86 9.04
C VAL A 47 -16.65 1.71 10.17
N PHE A 48 -16.61 1.16 11.38
CA PHE A 48 -17.15 1.81 12.57
C PHE A 48 -16.18 1.69 13.71
N GLU A 49 -16.13 2.71 14.55
CA GLU A 49 -15.51 2.54 15.84
C GLU A 49 -16.56 1.72 16.61
N GLY A 50 -16.09 0.78 17.41
CA GLY A 50 -16.98 0.00 18.27
C GLY A 50 -16.40 -0.22 19.65
N ILE A 51 -17.11 -1.09 20.39
CA ILE A 51 -16.70 -1.54 21.71
C ILE A 51 -16.83 -3.06 21.82
N ASN A 52 -15.82 -3.67 22.46
CA ASN A 52 -15.92 -5.01 23.00
C ASN A 52 -16.71 -4.92 24.33
N VAL A 53 -17.91 -5.49 24.36
CA VAL A 53 -18.75 -5.31 25.59
C VAL A 53 -18.26 -6.08 26.81
N ASN A 54 -17.45 -7.11 26.56
CA ASN A 54 -16.79 -7.91 27.61
C ASN A 54 -15.84 -7.09 28.44
N ASN A 55 -14.91 -6.39 27.78
CA ASN A 55 -13.86 -5.63 28.47
C ASN A 55 -13.91 -4.12 28.29
N ASN A 56 -14.92 -3.63 27.57
CA ASN A 56 -15.12 -2.18 27.34
C ASN A 56 -13.98 -1.47 26.59
N GLU A 57 -13.17 -2.27 25.90
CA GLU A 57 -12.09 -1.77 25.07
C GLU A 57 -12.65 -1.40 23.69
N LYS A 58 -12.18 -0.27 23.14
CA LYS A 58 -12.48 0.15 21.78
C LYS A 58 -11.95 -0.84 20.74
N CYS A 59 -12.62 -0.91 19.61
CA CYS A 59 -12.15 -1.66 18.46
C CYS A 59 -12.65 -0.98 17.18
N ILE A 60 -12.18 -1.48 16.04
CA ILE A 60 -12.73 -1.14 14.75
C ILE A 60 -13.48 -2.36 14.23
N ILE A 61 -14.71 -2.12 13.76
CA ILE A 61 -15.55 -3.11 13.16
C ILE A 61 -15.70 -2.81 11.70
N LYS A 62 -15.27 -3.77 10.88
CA LYS A 62 -15.30 -3.57 9.45
C LYS A 62 -16.40 -4.47 8.96
N ILE A 63 -17.52 -3.88 8.55
CA ILE A 63 -18.63 -4.71 8.09
C ILE A 63 -18.52 -4.88 6.56
N LEU A 64 -18.42 -6.13 6.13
CA LEU A 64 -18.15 -6.40 4.72
C LEU A 64 -19.43 -6.41 3.88
N LYS A 65 -19.37 -5.74 2.74
CA LYS A 65 -20.43 -5.85 1.77
C LYS A 65 -20.29 -7.25 1.14
N PRO A 66 -21.34 -7.74 0.48
CA PRO A 66 -21.39 -9.11 -0.06
C PRO A 66 -20.13 -9.55 -0.82
N VAL A 67 -19.48 -10.62 -0.36
CA VAL A 67 -18.15 -11.00 -0.85
C VAL A 67 -18.05 -12.52 -1.12
N LYS A 68 -17.33 -12.91 -2.18
CA LYS A 68 -17.07 -14.33 -2.49
C LYS A 68 -16.23 -15.01 -1.41
N LYS A 69 -16.48 -16.30 -1.18
CA LYS A 69 -15.78 -17.02 -0.11
C LYS A 69 -14.26 -16.99 -0.32
N LYS A 70 -13.83 -17.30 -1.54
CA LYS A 70 -12.40 -17.27 -1.90
C LYS A 70 -11.73 -15.96 -1.47
N LYS A 71 -12.37 -14.82 -1.76
CA LYS A 71 -11.81 -13.50 -1.50
C LYS A 71 -11.70 -13.13 -0.01
N ILE A 72 -12.78 -13.39 0.75
CA ILE A 72 -12.74 -13.13 2.18
C ILE A 72 -11.72 -14.01 2.88
N LYS A 73 -11.58 -15.26 2.45
CA LYS A 73 -10.61 -16.15 3.09
C LYS A 73 -9.20 -15.62 2.82
N ARG A 74 -8.98 -15.12 1.59
CA ARG A 74 -7.68 -14.47 1.24
C ARG A 74 -7.32 -13.34 2.22
N GLU A 75 -8.26 -12.43 2.51
CA GLU A 75 -8.00 -11.29 3.39
C GLU A 75 -7.78 -11.78 4.82
N ILE A 76 -8.67 -12.67 5.30
CA ILE A 76 -8.48 -13.29 6.61
C ILE A 76 -7.14 -14.06 6.78
N LYS A 77 -6.77 -14.89 5.81
CA LYS A 77 -5.58 -15.67 5.95
C LYS A 77 -4.37 -14.73 6.00
N ILE A 78 -4.41 -13.69 5.16
CA ILE A 78 -3.29 -12.69 5.11
C ILE A 78 -3.18 -11.93 6.44
N LEU A 79 -4.34 -11.54 6.96
CA LEU A 79 -4.37 -10.88 8.23
C LEU A 79 -3.80 -11.75 9.35
N GLN A 80 -4.18 -13.03 9.38
CA GLN A 80 -3.78 -13.96 10.42
C GLN A 80 -2.27 -14.14 10.32
N ASN A 81 -1.80 -14.41 9.09
CA ASN A 81 -0.36 -14.56 8.81
C ASN A 81 0.51 -13.40 9.26
N LEU A 82 0.02 -12.18 9.10
CA LEU A 82 0.76 -10.96 9.42
C LEU A 82 0.51 -10.39 10.83
N GLY A 84 0.70 -9.33 14.38
CA GLY A 84 1.85 -9.25 15.29
C GLY A 84 3.08 -8.57 14.69
N GLY A 85 3.13 -8.50 13.35
CA GLY A 85 4.21 -7.84 12.63
C GLY A 85 4.25 -6.35 12.82
N PRO A 86 5.41 -5.71 12.60
CA PRO A 86 5.52 -4.30 12.85
C PRO A 86 4.57 -3.46 12.01
N ASN A 87 3.76 -2.66 12.69
CA ASN A 87 2.84 -1.68 12.11
C ASN A 87 1.76 -2.25 11.21
N ILE A 88 1.54 -3.55 11.36
CA ILE A 88 0.41 -4.26 10.68
C ILE A 88 -0.86 -4.18 11.61
N VAL A 89 -1.96 -3.67 11.05
CA VAL A 89 -3.28 -3.78 11.71
C VAL A 89 -3.49 -5.18 12.32
N LYS A 90 -4.00 -5.27 13.56
CA LYS A 90 -4.18 -6.59 14.19
C LYS A 90 -5.63 -7.03 14.07
N LEU A 91 -5.88 -8.13 13.38
CA LEU A 91 -7.22 -8.68 13.30
C LEU A 91 -7.43 -9.46 14.61
N LEU A 92 -8.48 -9.08 15.34
CA LEU A 92 -8.80 -9.64 16.68
C LEU A 92 -9.83 -10.74 16.68
N ASP A 93 -10.79 -10.64 15.79
CA ASP A 93 -11.90 -11.60 15.76
C ASP A 93 -12.61 -11.46 14.42
N ILE A 94 -13.41 -12.47 14.08
CA ILE A 94 -14.17 -12.51 12.85
C ILE A 94 -15.55 -12.97 13.33
N VAL A 95 -16.60 -12.25 12.93
CA VAL A 95 -17.99 -12.55 13.37
C VAL A 95 -19.01 -12.36 12.24
N ARG A 96 -20.23 -12.89 12.40
CA ARG A 96 -21.18 -12.76 11.30
C ARG A 96 -22.59 -12.64 11.87
N ASP A 97 -23.47 -11.99 11.12
CA ASP A 97 -24.87 -11.81 11.51
C ASP A 97 -25.53 -13.15 11.24
N GLN A 98 -26.22 -13.72 12.22
CA GLN A 98 -26.78 -15.04 12.03
C GLN A 98 -27.83 -15.08 10.90
N HIS A 99 -28.69 -14.07 10.82
CA HIS A 99 -29.76 -14.06 9.81
C HIS A 99 -29.22 -13.88 8.39
N SER A 100 -28.40 -12.83 8.19
CA SER A 100 -27.98 -12.47 6.85
C SER A 100 -26.61 -13.07 6.45
N LYS A 101 -25.82 -13.44 7.46
CA LYS A 101 -24.49 -14.03 7.26
C LYS A 101 -23.51 -12.94 6.87
N THR A 102 -23.89 -11.70 7.15
CA THR A 102 -23.04 -10.54 6.92
C THR A 102 -21.80 -10.61 7.83
N PRO A 103 -20.58 -10.73 7.26
CA PRO A 103 -19.40 -10.80 8.14
C PRO A 103 -18.80 -9.45 8.51
N SER A 104 -18.24 -9.43 9.72
CA SER A 104 -17.58 -8.30 10.25
C SER A 104 -16.19 -8.75 10.70
N LEU A 105 -15.19 -7.95 10.35
CA LEU A 105 -13.82 -8.14 10.84
C LEU A 105 -13.57 -7.17 11.96
N ILE A 106 -13.03 -7.65 13.07
CA ILE A 106 -12.80 -6.84 14.25
C ILE A 106 -11.30 -6.63 14.42
N PHE A 107 -10.90 -5.37 14.50
CA PHE A 107 -9.49 -4.99 14.58
C PHE A 107 -9.21 -4.26 15.91
N GLU A 108 -7.93 -4.20 16.31
CA GLU A 108 -7.43 -3.23 17.28
C GLU A 108 -7.90 -1.85 16.88
N TYR A 109 -8.27 -1.02 17.86
CA TYR A 109 -8.61 0.37 17.55
C TYR A 109 -7.36 1.22 17.31
N VAL A 110 -7.40 2.06 16.28
CA VAL A 110 -6.36 3.07 16.07
C VAL A 110 -6.99 4.43 15.99
N ASN A 111 -6.49 5.35 16.80
CA ASN A 111 -7.06 6.67 16.85
C ASN A 111 -6.48 7.56 15.75
N ASN A 112 -7.00 7.35 14.53
CA ASN A 112 -6.54 8.02 13.31
C ASN A 112 -6.92 9.49 13.11
N THR A 113 -6.02 10.24 12.48
CA THR A 113 -6.32 11.59 12.02
C THR A 113 -6.34 11.63 10.50
N ASP A 114 -7.42 12.15 9.91
CA ASP A 114 -7.57 12.30 8.45
C ASP A 114 -6.35 12.83 7.71
N PHE A 115 -5.76 12.01 6.83
CA PHE A 115 -4.54 12.40 6.07
C PHE A 115 -4.66 13.76 5.38
N LYS A 116 -5.88 14.12 4.93
CA LYS A 116 -6.05 15.36 4.19
C LYS A 116 -5.79 16.61 5.02
N VAL A 117 -6.04 16.50 6.33
CA VAL A 117 -5.75 17.57 7.28
C VAL A 117 -4.42 17.32 8.04
N LEU A 118 -4.12 16.07 8.34
CA LEU A 118 -2.84 15.67 9.02
C LEU A 118 -1.59 16.06 8.20
N TYR A 119 -1.47 15.51 6.99
CA TYR A 119 -0.22 15.65 6.18
C TYR A 119 0.31 17.08 6.03
N PRO A 120 -0.56 18.08 5.73
CA PRO A 120 -0.11 19.49 5.62
C PRO A 120 0.54 20.10 6.88
N THR A 121 0.30 19.49 8.03
CA THR A 121 0.85 19.96 9.30
C THR A 121 2.15 19.22 9.66
N LEU A 122 2.41 18.08 9.01
CA LEU A 122 3.64 17.29 9.28
C LEU A 122 4.94 18.08 9.03
N THR A 123 5.83 18.05 10.01
CA THR A 123 7.22 18.53 9.80
C THR A 123 8.01 17.63 8.86
N ASP A 124 9.07 18.19 8.30
CA ASP A 124 10.00 17.38 7.49
C ASP A 124 10.38 16.16 8.27
N TYR A 125 10.74 16.33 9.56
CA TYR A 125 11.04 15.15 10.37
C TYR A 125 9.88 14.14 10.48
N ASP A 126 8.67 14.65 10.68
CA ASP A 126 7.46 13.82 10.75
C ASP A 126 7.31 12.94 9.51
N ILE A 127 7.56 13.52 8.36
CA ILE A 127 7.38 12.79 7.10
C ILE A 127 8.40 11.64 7.08
N ARG A 128 9.64 11.98 7.43
CA ARG A 128 10.67 10.93 7.46
C ARG A 128 10.27 9.80 8.41
N TYR A 129 9.77 10.21 9.58
CA TYR A 129 9.38 9.32 10.63
C TYR A 129 8.26 8.37 10.14
N TYR A 130 7.17 8.95 9.65
CA TYR A 130 6.02 8.07 9.28
C TYR A 130 6.30 7.20 8.07
N ILE A 131 7.05 7.71 7.13
CA ILE A 131 7.43 6.91 5.93
C ILE A 131 8.29 5.71 6.37
N TYR A 132 9.27 5.98 7.24
CA TYR A 132 10.02 4.86 7.88
C TYR A 132 9.14 3.79 8.56
N GLU A 133 8.11 4.20 9.31
CA GLU A 133 7.28 3.24 10.03
C GLU A 133 6.47 2.42 8.99
N LEU A 134 6.02 3.12 7.96
CA LEU A 134 5.30 2.45 6.86
C LEU A 134 6.22 1.48 6.13
N LEU A 135 7.49 1.84 5.91
CA LEU A 135 8.45 0.90 5.37
C LEU A 135 8.65 -0.35 6.19
N LYS A 136 8.62 -0.22 7.53
CA LYS A 136 8.71 -1.39 8.42
C LYS A 136 7.61 -2.40 8.08
N ALA A 137 6.40 -1.86 7.84
CA ALA A 137 5.21 -2.70 7.59
C ALA A 137 5.40 -3.44 6.27
N LEU A 138 5.93 -2.72 5.29
CA LEU A 138 6.06 -3.26 3.92
C LEU A 138 7.22 -4.28 3.88
N ASP A 139 8.35 -3.95 4.48
CA ASP A 139 9.40 -4.98 4.56
C ASP A 139 8.88 -6.25 5.23
N TYR A 140 8.11 -6.07 6.31
CA TYR A 140 7.62 -7.22 7.03
C TYR A 140 6.70 -8.04 6.10
N CYS A 141 5.67 -7.40 5.54
CA CYS A 141 4.72 -8.21 4.70
C CYS A 141 5.40 -8.87 3.51
N HIS A 142 6.29 -8.14 2.85
CA HIS A 142 7.10 -8.73 1.79
C HIS A 142 7.91 -9.96 2.32
N SER A 143 8.54 -9.81 3.48
CA SER A 143 9.38 -10.90 4.05
C SER A 143 8.54 -12.11 4.36
N GLN A 144 7.23 -11.89 4.54
CA GLN A 144 6.28 -12.98 4.82
C GLN A 144 5.58 -13.45 3.54
N GLY A 145 6.08 -13.05 2.38
CA GLY A 145 5.55 -13.55 1.10
C GLY A 145 4.26 -12.90 0.63
N ILE A 146 3.98 -11.71 1.13
CA ILE A 146 2.78 -10.96 0.74
C ILE A 146 3.01 -9.60 0.14
N MET A 147 2.24 -9.30 -0.91
CA MET A 147 2.16 -7.97 -1.50
C MET A 147 0.88 -7.31 -1.03
N HIS A 148 0.94 -6.04 -0.61
CA HIS A 148 -0.25 -5.38 -0.10
C HIS A 148 -1.16 -4.99 -1.27
N ARG A 149 -0.54 -4.41 -2.30
CA ARG A 149 -1.25 -4.02 -3.55
C ARG A 149 -2.31 -2.94 -3.47
N ASP A 150 -2.38 -2.18 -2.35
CA ASP A 150 -3.17 -1.01 -2.23
C ASP A 150 -2.61 0.01 -1.24
N VAL A 151 -1.29 0.25 -1.34
CA VAL A 151 -0.71 1.36 -0.58
C VAL A 151 -1.19 2.72 -1.07
N LYS A 152 -1.77 3.52 -0.15
CA LYS A 152 -2.27 4.89 -0.35
C LYS A 152 -2.52 5.45 1.05
N PRO A 153 -2.58 6.80 1.19
CA PRO A 153 -2.81 7.45 2.48
C PRO A 153 -4.07 6.95 3.22
N HIS A 154 -5.14 6.70 2.46
CA HIS A 154 -6.39 6.15 3.03
C HIS A 154 -6.21 4.79 3.76
N ASN A 155 -5.15 4.04 3.44
CA ASN A 155 -4.84 2.71 3.98
C ASN A 155 -3.71 2.72 5.02
N VAL A 156 -3.40 3.92 5.45
CA VAL A 156 -2.32 4.16 6.48
C VAL A 156 -2.95 4.99 7.59
N MET A 157 -3.27 4.31 8.70
CA MET A 157 -3.90 4.92 9.88
C MET A 157 -2.78 5.43 10.79
N ILE A 158 -2.84 6.71 11.14
CA ILE A 158 -1.81 7.37 11.96
C ILE A 158 -2.47 8.00 13.19
N ASP A 159 -2.15 7.43 14.35
CA ASP A 159 -2.38 8.06 15.67
C ASP A 159 -1.17 8.95 15.95
N HIS A 160 -1.34 10.22 15.64
CA HIS A 160 -0.26 11.19 15.65
C HIS A 160 0.18 11.62 17.07
N GLU A 161 -0.65 11.34 18.08
CA GLU A 161 -0.28 11.62 19.48
C GLU A 161 0.66 10.52 19.99
N LEU A 162 0.33 9.25 19.73
CA LEU A 162 1.19 8.16 20.18
C LEU A 162 2.30 7.89 19.16
N ARG A 163 2.34 8.70 18.11
CA ARG A 163 3.21 8.56 16.93
C ARG A 163 3.20 7.16 16.37
N LYS A 164 1.99 6.62 16.19
CA LYS A 164 1.91 5.24 15.78
C LYS A 164 1.13 5.08 14.46
N LEU A 165 1.50 4.04 13.72
CA LEU A 165 1.09 3.87 12.31
C LEU A 165 0.71 2.43 12.12
N ARG A 166 -0.41 2.22 11.38
CA ARG A 166 -0.86 0.90 11.00
C ARG A 166 -1.23 0.91 9.52
N LEU A 167 -0.71 -0.09 8.82
CA LEU A 167 -1.09 -0.39 7.45
C LEU A 167 -2.31 -1.31 7.54
N ILE A 168 -3.38 -0.83 6.92
CA ILE A 168 -4.71 -1.45 6.98
C ILE A 168 -5.22 -1.86 5.59
N ASP A 169 -6.44 -2.47 5.59
CA ASP A 169 -7.13 -2.94 4.38
CA ASP A 169 -7.13 -2.89 4.36
C ASP A 169 -6.32 -3.82 3.43
N TRP A 170 -6.11 -5.06 3.86
CA TRP A 170 -5.43 -6.14 3.17
C TRP A 170 -6.34 -6.89 2.20
N GLY A 171 -7.45 -6.23 1.87
CA GLY A 171 -8.51 -6.72 0.95
C GLY A 171 -8.04 -7.01 -0.47
N LEU A 172 -7.07 -6.22 -0.91
CA LEU A 172 -6.46 -6.41 -2.26
C LEU A 172 -5.11 -7.16 -2.26
N ALA A 173 -4.63 -7.54 -1.08
CA ALA A 173 -3.37 -8.27 -0.90
C ALA A 173 -3.27 -9.72 -1.43
N GLU A 174 -2.04 -10.21 -1.71
CA GLU A 174 -1.88 -11.52 -2.37
C GLU A 174 -0.53 -12.11 -1.98
N PHE A 175 -0.48 -13.45 -1.93
CA PHE A 175 0.74 -14.23 -1.76
C PHE A 175 1.56 -14.13 -3.05
N TYR A 176 2.86 -13.88 -2.89
CA TYR A 176 3.81 -13.96 -4.03
C TYR A 176 4.37 -15.35 -4.30
N HIS A 177 4.20 -15.83 -5.56
CA HIS A 177 4.70 -17.11 -6.01
C HIS A 177 5.48 -16.80 -7.29
N PRO A 178 6.78 -17.19 -7.34
CA PRO A 178 7.61 -16.85 -8.52
C PRO A 178 6.92 -17.24 -9.82
N GLY A 179 6.77 -16.27 -10.73
CA GLY A 179 6.32 -16.56 -12.10
C GLY A 179 4.80 -16.51 -12.22
N LYS A 180 4.11 -16.38 -11.08
CA LYS A 180 2.65 -16.31 -11.12
C LYS A 180 2.18 -15.05 -11.83
N GLU A 181 1.17 -15.20 -12.67
CA GLU A 181 0.60 -14.06 -13.31
C GLU A 181 -0.61 -13.57 -12.49
N TYR A 182 -0.57 -12.31 -12.08
CA TYR A 182 -1.58 -11.73 -11.19
C TYR A 182 -2.49 -10.83 -11.98
N ASN A 183 -3.66 -10.56 -11.43
CA ASN A 183 -4.60 -9.57 -11.94
C ASN A 183 -4.05 -8.17 -11.86
N VAL A 184 -4.16 -7.39 -12.94
CA VAL A 184 -3.61 -6.03 -12.87
C VAL A 184 -4.60 -5.03 -12.30
N ARG A 185 -5.86 -5.46 -12.07
CA ARG A 185 -6.86 -4.54 -11.54
C ARG A 185 -6.80 -4.48 -10.02
N VAL A 186 -5.69 -3.91 -9.55
CA VAL A 186 -5.42 -3.73 -8.12
C VAL A 186 -4.91 -2.31 -7.88
N ALA A 187 -4.70 -1.97 -6.59
CA ALA A 187 -4.33 -0.65 -6.17
C ALA A 187 -5.41 0.31 -6.49
N SER A 188 -5.17 1.57 -6.20
CA SER A 188 -6.09 2.62 -6.52
C SER A 188 -5.44 3.44 -7.62
N ARG A 189 -6.25 4.05 -8.50
CA ARG A 189 -5.66 4.63 -9.73
C ARG A 189 -4.36 5.45 -9.56
N TYR A 190 -4.40 6.44 -8.66
CA TYR A 190 -3.27 7.37 -8.49
C TYR A 190 -2.01 6.68 -7.98
N PHE A 191 -2.12 5.41 -7.57
CA PHE A 191 -0.99 4.66 -6.99
C PHE A 191 -0.62 3.42 -7.76
N LYS A 192 -1.19 3.27 -8.98
CA LYS A 192 -0.94 2.03 -9.73
C LYS A 192 0.45 2.15 -10.38
N GLY A 193 1.25 1.09 -10.24
CA GLY A 193 2.54 0.99 -10.92
C GLY A 193 2.46 0.92 -12.45
N PRO A 194 3.52 1.41 -13.14
CA PRO A 194 3.52 1.18 -14.58
C PRO A 194 3.22 -0.28 -14.99
N GLU A 195 3.67 -1.26 -14.23
CA GLU A 195 3.40 -2.66 -14.55
C GLU A 195 1.87 -2.90 -14.73
N LEU A 196 1.09 -2.33 -13.83
CA LEU A 196 -0.37 -2.50 -13.87
C LEU A 196 -0.90 -1.84 -15.14
N LEU A 197 -0.37 -0.65 -15.45
CA LEU A 197 -0.90 0.21 -16.48
C LEU A 197 -0.50 -0.28 -17.89
N VAL A 198 0.46 -1.19 -17.94
CA VAL A 198 0.93 -1.77 -19.21
C VAL A 198 0.66 -3.28 -19.33
N ASP A 199 -0.12 -3.82 -18.39
CA ASP A 199 -0.50 -5.24 -18.36
C ASP A 199 0.63 -6.24 -18.16
N LEU A 200 1.69 -5.82 -17.45
CA LEU A 200 2.67 -6.75 -16.98
C LEU A 200 2.10 -7.39 -15.72
N GLN A 201 1.74 -8.65 -15.86
CA GLN A 201 1.03 -9.40 -14.82
C GLN A 201 1.97 -10.09 -13.83
N ASP A 202 3.19 -10.35 -14.28
CA ASP A 202 4.06 -11.17 -13.45
C ASP A 202 4.86 -10.20 -12.56
N TYR A 203 4.10 -9.39 -11.83
CA TYR A 203 4.69 -8.35 -10.95
C TYR A 203 4.96 -8.91 -9.55
N ASP A 204 5.50 -8.09 -8.67
CA ASP A 204 5.94 -8.58 -7.35
C ASP A 204 5.82 -7.49 -6.29
N TYR A 205 6.45 -7.72 -5.13
CA TYR A 205 6.43 -6.73 -4.03
C TYR A 205 6.77 -5.34 -4.45
N SER A 206 7.70 -5.21 -5.43
CA SER A 206 8.04 -3.88 -5.97
C SER A 206 6.90 -2.95 -6.36
N LEU A 207 5.73 -3.52 -6.68
CA LEU A 207 4.55 -2.76 -6.92
C LEU A 207 4.26 -1.80 -5.78
N ASP A 208 4.37 -2.28 -4.53
CA ASP A 208 4.07 -1.46 -3.34
C ASP A 208 5.04 -0.31 -3.20
N MET A 209 6.22 -0.50 -3.73
CA MET A 209 7.28 0.53 -3.66
C MET A 209 7.02 1.71 -4.59
N TRP A 210 6.37 1.44 -5.74
CA TRP A 210 5.87 2.52 -6.59
C TRP A 210 4.78 3.28 -5.83
N SER A 211 3.78 2.56 -5.30
CA SER A 211 2.71 3.23 -4.57
C SER A 211 3.27 4.09 -3.43
N LEU A 212 4.26 3.54 -2.72
CA LEU A 212 4.89 4.29 -1.61
C LEU A 212 5.55 5.55 -2.17
N GLY A 213 6.25 5.43 -3.32
CA GLY A 213 6.88 6.60 -3.97
C GLY A 213 5.84 7.67 -4.32
N CYS A 214 4.66 7.22 -4.77
CA CYS A 214 3.62 8.17 -5.13
C CYS A 214 3.12 8.92 -3.87
N MET A 215 2.86 8.17 -2.78
CA MET A 215 2.50 8.76 -1.49
C MET A 215 3.55 9.78 -1.01
N PHE A 216 4.81 9.37 -1.09
CA PHE A 216 5.94 10.19 -0.68
C PHE A 216 6.05 11.45 -1.51
N ALA A 217 6.00 11.34 -2.83
CA ALA A 217 6.03 12.55 -3.67
C ALA A 217 4.88 13.52 -3.35
N GLY A 218 3.70 12.95 -3.12
CA GLY A 218 2.52 13.71 -2.59
C GLY A 218 2.82 14.53 -1.34
N MET A 219 3.54 13.95 -0.40
CA MET A 219 3.89 14.57 0.86
C MET A 219 4.93 15.68 0.76
N ILE A 220 6.11 15.34 0.22
CA ILE A 220 7.16 16.35 0.07
C ILE A 220 6.82 17.52 -0.84
N PHE A 221 6.06 17.25 -1.89
CA PHE A 221 5.70 18.31 -2.86
C PHE A 221 4.36 18.98 -2.59
N ARG A 222 3.58 18.41 -1.67
CA ARG A 222 2.28 18.93 -1.28
C ARG A 222 1.40 19.00 -2.51
N LYS A 223 1.31 17.86 -3.19
CA LYS A 223 0.57 17.73 -4.45
C LYS A 223 -0.11 16.37 -4.39
N GLU A 224 -1.41 16.44 -4.06
CA GLU A 224 -2.26 15.35 -3.60
C GLU A 224 -3.42 15.15 -4.60
N PRO A 225 -3.44 14.05 -5.39
CA PRO A 225 -2.41 13.03 -5.54
C PRO A 225 -1.31 13.57 -6.46
N PHE A 226 -0.14 12.95 -6.41
CA PHE A 226 0.95 13.40 -7.24
C PHE A 226 0.72 13.16 -8.74
N PHE A 227 0.33 11.95 -9.12
CA PHE A 227 0.00 11.65 -10.51
C PHE A 227 -1.55 11.59 -10.58
N TYR A 228 -2.17 12.65 -11.08
CA TYR A 228 -3.64 12.81 -11.10
C TYR A 228 -4.26 12.47 -12.47
N GLY A 229 -4.39 11.18 -12.75
CA GLY A 229 -4.95 10.68 -14.02
C GLY A 229 -6.46 10.46 -13.86
N HIS A 230 -7.23 10.60 -14.94
CA HIS A 230 -8.68 10.46 -14.86
C HIS A 230 -9.15 9.01 -15.04
N ASP A 231 -8.46 8.25 -15.89
CA ASP A 231 -8.70 6.81 -16.08
C ASP A 231 -7.34 6.16 -16.23
N ASN A 232 -7.31 4.84 -16.46
CA ASN A 232 -6.06 4.07 -16.42
C ASN A 232 -5.14 4.41 -17.58
N HIS A 233 -5.68 4.86 -18.71
CA HIS A 233 -4.80 5.27 -19.79
C HIS A 233 -4.15 6.59 -19.42
N ASP A 234 -4.95 7.51 -18.92
CA ASP A 234 -4.51 8.85 -18.56
C ASP A 234 -3.51 8.77 -17.42
N GLN A 235 -3.71 7.80 -16.54
CA GLN A 235 -2.72 7.53 -15.46
C GLN A 235 -1.31 7.29 -16.03
N LEU A 236 -1.16 6.43 -17.04
CA LEU A 236 0.14 6.20 -17.66
C LEU A 236 0.69 7.47 -18.33
N VAL A 237 -0.21 8.22 -18.98
CA VAL A 237 0.13 9.53 -19.53
C VAL A 237 0.75 10.51 -18.51
N LYS A 238 0.07 10.65 -17.36
CA LYS A 238 0.55 11.55 -16.31
C LYS A 238 1.95 11.14 -15.85
N ILE A 239 2.20 9.84 -15.74
CA ILE A 239 3.49 9.32 -15.29
C ILE A 239 4.56 9.68 -16.37
N ALA A 240 4.21 9.38 -17.62
CA ALA A 240 5.11 9.50 -18.78
C ALA A 240 5.57 10.93 -18.95
N LYS A 241 4.71 11.88 -18.61
CA LYS A 241 5.00 13.31 -18.71
C LYS A 241 5.93 13.85 -17.61
N VAL A 242 6.28 12.99 -16.65
CA VAL A 242 7.22 13.32 -15.61
C VAL A 242 8.49 12.52 -15.86
N LEU A 243 8.35 11.20 -15.91
CA LEU A 243 9.52 10.34 -16.10
C LEU A 243 10.09 10.33 -17.53
N GLY A 244 9.31 10.81 -18.50
CA GLY A 244 9.70 10.80 -19.91
C GLY A 244 9.45 9.47 -20.60
N THR A 245 9.28 9.52 -21.92
CA THR A 245 8.92 8.36 -22.71
C THR A 245 10.10 7.48 -23.09
N ASP A 246 11.33 8.03 -23.13
CA ASP A 246 12.49 7.19 -23.45
C ASP A 246 12.66 6.03 -22.47
N GLY A 247 12.58 6.34 -21.17
CA GLY A 247 12.67 5.36 -20.11
C GLY A 247 11.52 4.37 -20.18
N LEU A 248 10.37 4.84 -20.67
CA LEU A 248 9.21 3.96 -20.86
C LEU A 248 9.48 2.97 -21.99
N ASN A 249 10.01 3.50 -23.09
CA ASN A 249 10.35 2.65 -24.22
C ASN A 249 11.39 1.59 -23.86
N VAL A 250 12.41 1.96 -23.10
CA VAL A 250 13.41 0.96 -22.68
C VAL A 250 12.80 -0.14 -21.81
N TYR A 251 11.94 0.27 -20.87
CA TYR A 251 11.16 -0.65 -20.02
C TYR A 251 10.34 -1.67 -20.84
N LEU A 252 9.53 -1.14 -21.75
CA LEU A 252 8.67 -1.94 -22.61
C LEU A 252 9.44 -3.01 -23.38
N ASN A 253 10.56 -2.61 -23.99
CA ASN A 253 11.32 -3.56 -24.78
C ASN A 253 12.03 -4.60 -23.91
N LYS A 254 12.47 -4.19 -22.72
CA LYS A 254 13.06 -5.12 -21.74
C LYS A 254 12.11 -6.31 -21.42
N TYR A 255 10.82 -6.00 -21.19
CA TYR A 255 9.84 -7.03 -20.83
C TYR A 255 9.01 -7.54 -22.01
N ARG A 256 9.39 -7.08 -23.21
CA ARG A 256 8.77 -7.54 -24.46
C ARG A 256 7.26 -7.26 -24.42
N ILE A 257 6.94 -6.01 -24.09
CA ILE A 257 5.56 -5.58 -23.90
C ILE A 257 5.22 -4.58 -24.98
N GLU A 258 4.02 -4.72 -25.54
CA GLU A 258 3.51 -3.71 -26.47
C GLU A 258 2.27 -3.03 -25.92
N LEU A 259 2.25 -1.71 -26.01
CA LEU A 259 1.11 -0.90 -25.63
C LEU A 259 -0.02 -1.10 -26.62
N ASP A 260 -1.26 -1.05 -26.14
CA ASP A 260 -2.41 -1.00 -27.05
C ASP A 260 -2.15 0.21 -27.93
N PRO A 261 -2.38 0.08 -29.25
CA PRO A 261 -2.17 1.23 -30.15
C PRO A 261 -2.77 2.55 -29.63
N GLN A 262 -3.97 2.50 -29.06
CA GLN A 262 -4.69 3.65 -28.52
C GLN A 262 -3.94 4.25 -27.32
N LEU A 263 -3.37 3.37 -26.49
CA LEU A 263 -2.59 3.84 -25.34
C LEU A 263 -1.30 4.49 -25.82
N GLU A 264 -0.61 3.82 -26.73
CA GLU A 264 0.63 4.35 -27.32
C GLU A 264 0.39 5.76 -27.86
N ALA A 265 -0.71 5.95 -28.56
CA ALA A 265 -1.08 7.26 -29.12
C ALA A 265 -1.25 8.31 -28.02
N LEU A 266 -2.00 7.96 -26.98
CA LEU A 266 -2.23 8.87 -25.84
C LEU A 266 -0.94 9.30 -25.12
N VAL A 267 -0.03 8.35 -24.93
CA VAL A 267 1.23 8.63 -24.21
C VAL A 267 2.09 9.66 -24.97
N GLY A 268 2.14 9.55 -26.30
CA GLY A 268 2.89 10.52 -27.11
C GLY A 268 4.39 10.42 -26.84
N ARG A 269 5.07 11.56 -26.93
CA ARG A 269 6.50 11.66 -26.67
C ARG A 269 6.74 12.79 -25.66
N HIS A 270 7.57 12.51 -24.64
CA HIS A 270 7.79 13.46 -23.55
C HIS A 270 9.19 13.38 -22.98
N SER A 271 9.75 14.53 -22.67
CA SER A 271 11.03 14.55 -22.00
C SER A 271 10.83 14.37 -20.51
N ARG A 272 11.89 13.92 -19.84
CA ARG A 272 11.92 13.85 -18.39
C ARG A 272 11.91 15.23 -17.73
N LYS A 273 11.02 15.39 -16.75
CA LYS A 273 10.90 16.57 -15.92
C LYS A 273 11.66 16.31 -14.62
N PRO A 274 12.77 17.05 -14.39
CA PRO A 274 13.54 16.92 -13.15
C PRO A 274 12.62 17.09 -11.95
N TRP A 275 12.92 16.38 -10.86
CA TRP A 275 12.13 16.48 -9.63
C TRP A 275 12.09 17.88 -9.02
N LEU A 276 13.14 18.67 -9.25
CA LEU A 276 13.22 19.98 -8.63
C LEU A 276 12.18 20.94 -9.16
N LYS A 277 11.76 20.72 -10.41
CA LYS A 277 10.67 21.45 -11.06
C LYS A 277 9.34 21.48 -10.29
N PHE A 278 9.20 20.60 -9.30
CA PHE A 278 7.99 20.52 -8.48
C PHE A 278 8.13 21.32 -7.18
N MET A 279 9.34 21.84 -6.95
CA MET A 279 9.55 22.66 -5.77
C MET A 279 8.91 24.02 -5.97
N ASN A 280 8.34 24.52 -4.88
CA ASN A 280 7.73 25.81 -4.80
C ASN A 280 7.77 26.26 -3.33
N ALA A 281 7.19 27.41 -3.05
CA ALA A 281 7.27 28.04 -1.74
C ALA A 281 6.58 27.30 -0.61
N ASP A 282 5.40 26.72 -0.88
CA ASP A 282 4.66 25.94 0.12
C ASP A 282 5.48 24.74 0.58
N ASN A 283 6.16 24.09 -0.35
CA ASN A 283 6.69 22.76 -0.07
C ASN A 283 8.16 22.77 0.31
N GLN A 284 8.78 23.94 0.14
CA GLN A 284 10.25 24.14 0.12
C GLN A 284 11.02 23.62 1.33
N HIS A 285 10.43 23.82 2.52
CA HIS A 285 10.99 23.28 3.77
C HIS A 285 11.00 21.74 3.81
N LEU A 286 10.31 21.12 2.83
CA LEU A 286 10.30 19.66 2.71
C LEU A 286 11.21 18.97 1.67
N VAL A 287 11.78 19.68 0.68
CA VAL A 287 12.36 19.00 -0.56
C VAL A 287 13.90 18.85 -0.80
N SER A 288 14.64 18.56 0.26
CA SER A 288 16.12 18.36 0.24
C SER A 288 16.69 17.37 -0.82
N PRO A 289 18.00 17.51 -1.19
CA PRO A 289 18.58 16.51 -2.11
C PRO A 289 18.44 15.04 -1.63
N GLU A 290 18.34 14.81 -0.34
CA GLU A 290 18.18 13.44 0.21
C GLU A 290 16.77 12.89 -0.06
N ALA A 291 15.78 13.77 0.13
CA ALA A 291 14.34 13.54 -0.26
C ALA A 291 14.26 13.12 -1.71
N ILE A 292 14.83 13.95 -2.59
CA ILE A 292 14.84 13.72 -4.01
C ILE A 292 15.61 12.44 -4.43
N ASP A 293 16.81 12.24 -3.90
CA ASP A 293 17.51 11.02 -4.27
C ASP A 293 16.68 9.78 -3.94
N PHE A 294 16.06 9.81 -2.78
CA PHE A 294 15.25 8.67 -2.31
C PHE A 294 14.02 8.51 -3.23
N LEU A 295 13.32 9.62 -3.45
CA LEU A 295 12.10 9.57 -4.33
C LEU A 295 12.48 9.02 -5.71
N ASP A 296 13.60 9.50 -6.26
CA ASP A 296 14.02 9.03 -7.55
C ASP A 296 14.26 7.55 -7.63
N LYS A 297 14.73 6.96 -6.52
CA LYS A 297 15.02 5.56 -6.43
C LYS A 297 13.76 4.69 -6.25
N LEU A 298 12.64 5.34 -5.96
CA LEU A 298 11.35 4.63 -5.86
C LEU A 298 10.58 4.70 -7.20
N LEU A 299 10.46 5.89 -7.74
CA LEU A 299 9.68 6.13 -8.94
C LEU A 299 10.46 5.84 -10.22
N ARG A 300 10.60 4.54 -10.47
CA ARG A 300 11.25 3.98 -11.66
C ARG A 300 10.20 3.13 -12.41
N TYR A 301 10.05 3.34 -13.72
CA TYR A 301 9.23 2.39 -14.52
C TYR A 301 9.56 0.95 -14.21
N ASP A 302 10.85 0.63 -14.23
CA ASP A 302 11.25 -0.73 -14.17
C ASP A 302 11.12 -1.11 -12.71
N HIS A 303 10.16 -2.00 -12.44
CA HIS A 303 9.93 -2.49 -11.08
C HIS A 303 11.16 -3.15 -10.44
N GLN A 304 12.00 -3.75 -11.30
CA GLN A 304 13.20 -4.46 -10.86
C GLN A 304 14.29 -3.53 -10.39
N GLU A 305 14.20 -2.26 -10.83
CA GLU A 305 15.14 -1.18 -10.45
C GLU A 305 14.86 -0.49 -9.15
N ARG A 306 13.60 -0.52 -8.68
CA ARG A 306 13.21 0.27 -7.51
C ARG A 306 13.89 -0.27 -6.24
N LEU A 307 14.09 0.59 -5.25
CA LEU A 307 14.60 0.12 -3.95
C LEU A 307 13.60 -0.88 -3.40
N THR A 308 14.13 -1.89 -2.71
CA THR A 308 13.32 -2.82 -1.89
C THR A 308 12.99 -2.08 -0.60
N ALA A 309 11.97 -2.53 0.14
CA ALA A 309 11.64 -1.82 1.39
C ALA A 309 12.87 -1.82 2.31
N LEU A 310 13.59 -2.93 2.34
CA LEU A 310 14.75 -3.08 3.27
C LEU A 310 15.78 -2.04 2.90
N GLU A 311 16.08 -1.94 1.61
CA GLU A 311 16.99 -0.86 1.11
C GLU A 311 16.53 0.52 1.47
N ALA A 312 15.23 0.82 1.30
CA ALA A 312 14.77 2.16 1.47
C ALA A 312 15.04 2.55 2.90
N MET A 313 14.83 1.59 3.83
CA MET A 313 14.93 1.90 5.27
C MET A 313 16.35 2.32 5.62
N THR A 314 17.30 1.90 4.80
CA THR A 314 18.77 2.23 5.02
C THR A 314 19.24 3.50 4.28
N HIS A 315 18.36 4.06 3.42
CA HIS A 315 18.75 5.22 2.66
C HIS A 315 19.12 6.38 3.63
N PRO A 316 20.21 7.13 3.34
CA PRO A 316 20.55 8.26 4.26
C PRO A 316 19.43 9.28 4.62
N TYR A 317 18.42 9.42 3.74
CA TYR A 317 17.27 10.24 4.07
C TYR A 317 16.73 9.96 5.50
N PHE A 318 16.75 8.71 5.92
CA PHE A 318 16.19 8.28 7.23
C PHE A 318 17.21 8.19 8.34
N GLN A 319 18.40 8.72 8.09
CA GLN A 319 19.47 8.51 9.05
C GLN A 319 19.17 9.06 10.47
N GLN A 320 18.44 10.18 10.59
CA GLN A 320 18.03 10.73 11.88
C GLN A 320 16.97 9.85 12.59
N VAL A 321 16.00 9.33 11.81
CA VAL A 321 15.04 8.36 12.36
C VAL A 321 15.68 7.10 12.94
N ARG A 322 16.67 6.52 12.22
CA ARG A 322 17.40 5.31 12.69
C ARG A 322 18.19 5.67 13.94
N ALA A 323 18.89 6.81 13.88
CA ALA A 323 19.72 7.21 15.02
C ALA A 323 18.85 7.35 16.28
N ALA A 324 17.68 7.96 16.12
CA ALA A 324 16.76 8.13 17.24
C ALA A 324 16.24 6.81 17.79
N GLU A 325 16.00 5.86 16.89
CA GLU A 325 15.46 4.56 17.23
C GLU A 325 16.52 3.69 17.91
N ASN A 326 17.77 3.76 17.44
CA ASN A 326 18.88 3.03 18.06
C ASN A 326 19.10 3.43 19.52
N SER A 327 19.18 4.74 19.76
CA SER A 327 19.39 5.28 21.11
C SER A 327 20.18 4.28 21.97
#